data_2QDS
#
_entry.id   2QDS
#
_cell.length_a   43.001
_cell.length_b   100.990
_cell.length_c   116.819
_cell.angle_alpha   90.00
_cell.angle_beta   90.00
_cell.angle_gamma   90.00
#
_symmetry.space_group_name_H-M   'C 2 2 21'
#
loop_
_entity.id
_entity.type
_entity.pdbx_description
1 polymer Beta-lactamase
2 non-polymer 'ZINC ION'
3 non-polymer 'SULFATE ION'
4 non-polymer '1-(3-MERCAPTO-2-METHYL-PROPIONYL)-PYRROLIDINE-2-CARBOXYLIC ACID'
5 non-polymer GLYCEROL
6 water water
#
_entity_poly.entity_id   1
_entity_poly.type   'polypeptide(L)'
_entity_poly.pdbx_seq_one_letter_code
;AGMSLTQVSGPVYVVEDNYYVQENSMVYFGAKGVTVVGATWTPDTARELHKLIKRVSRKPVLEVINTNYHTDRAGGNAYW
KSIGAKVVSTRQTRDLMKSDWAEIVAFTRKGLPEYPDLPLVLPNVVHDGDFTLQEGKVRAFYAGPAHTPDGIFVYFPDEQ
VLYGNCILKEKLGNLSFADVKAYPQTLERLKAMKLPIKTVIGGHDSPLHGPELIDHYEALIKAAPQS
;
_entity_poly.pdbx_strand_id   A
#
loop_
_chem_comp.id
_chem_comp.type
_chem_comp.name
_chem_comp.formula
GOL non-polymer GLYCEROL 'C3 H8 O3'
MCO non-polymer '1-(3-MERCAPTO-2-METHYL-PROPIONYL)-PYRROLIDINE-2-CARBOXYLIC ACID' 'C9 H15 N O3 S'
SO4 non-polymer 'SULFATE ION' 'O4 S -2'
ZN non-polymer 'ZINC ION' 'Zn 2'
#
# COMPACT_ATOMS: atom_id res chain seq x y z
N ALA A 1 0.30 13.81 15.28
CA ALA A 1 1.09 14.41 14.18
C ALA A 1 0.36 14.21 12.86
N GLY A 2 0.74 14.99 11.85
CA GLY A 2 0.22 14.80 10.49
C GLY A 2 0.53 13.40 9.98
N MET A 3 1.69 12.89 10.39
CA MET A 3 2.07 11.54 10.06
C MET A 3 2.87 10.93 11.19
N SER A 4 2.68 9.63 11.40
CA SER A 4 3.41 8.90 12.42
C SER A 4 4.03 7.66 11.81
N LEU A 5 5.15 7.26 12.39
CA LEU A 5 5.86 6.07 11.98
C LEU A 5 6.16 5.27 13.25
N THR A 6 5.55 4.09 13.37
CA THR A 6 5.57 3.32 14.61
C THR A 6 5.96 1.86 14.35
N GLN A 7 6.83 1.35 15.19
CA GLN A 7 7.27 -0.03 15.10
C GLN A 7 6.14 -0.98 15.40
N VAL A 8 5.92 -1.96 14.51
CA VAL A 8 4.98 -3.05 14.79
C VAL A 8 5.75 -4.25 15.35
N SER A 9 6.82 -4.64 14.65
CA SER A 9 7.63 -5.78 15.05
C SER A 9 8.99 -5.68 14.36
N GLY A 10 10.06 -5.56 15.15
CA GLY A 10 11.40 -5.48 14.61
C GLY A 10 11.55 -4.41 13.53
N PRO A 11 11.98 -4.80 12.31
CA PRO A 11 12.19 -3.85 11.23
C PRO A 11 10.93 -3.37 10.54
N VAL A 12 9.79 -3.90 10.96
CA VAL A 12 8.50 -3.64 10.31
C VAL A 12 7.76 -2.52 11.07
N TYR A 13 7.53 -1.41 10.38
CA TYR A 13 6.87 -0.22 10.92
C TYR A 13 5.59 0.11 10.15
N VAL A 14 4.62 0.70 10.86
CA VAL A 14 3.39 1.20 10.22
C VAL A 14 3.42 2.71 10.16
N VAL A 15 2.99 3.23 9.02
CA VAL A 15 2.85 4.65 8.79
C VAL A 15 1.37 4.98 8.83
N GLU A 16 1.00 5.94 9.69
CA GLU A 16 -0.35 6.51 9.68
C GLU A 16 -0.22 7.89 9.08
N ASP A 17 -0.81 8.05 7.91
CA ASP A 17 -0.76 9.28 7.13
C ASP A 17 -2.10 9.94 7.29
N ASN A 18 -2.17 10.99 8.10
CA ASN A 18 -3.45 11.63 8.42
C ASN A 18 -3.84 12.74 7.46
N TYR A 19 -3.05 12.92 6.41
CA TYR A 19 -3.40 13.88 5.36
C TYR A 19 -4.59 13.35 4.57
N TYR A 20 -5.43 14.28 4.11
CA TYR A 20 -6.57 13.96 3.29
C TYR A 20 -7.43 12.93 4.00
N VAL A 21 -7.94 11.67 3.30
CA VAL A 21 -8.54 10.58 4.04
C VAL A 21 -7.39 9.75 4.59
N GLN A 22 -7.39 9.53 5.89
CA GLN A 22 -6.29 8.79 6.53
C GLN A 22 -5.97 7.52 5.74
N GLU A 23 -4.69 7.31 5.47
CA GLU A 23 -4.25 6.08 4.83
C GLU A 23 -3.07 5.56 5.64
N ASN A 24 -2.97 4.23 5.75
CA ASN A 24 -1.85 3.61 6.42
C ASN A 24 -0.97 2.89 5.42
N SER A 25 0.33 3.08 5.58
CA SER A 25 1.36 2.51 4.73
C SER A 25 2.38 1.81 5.64
N MET A 26 3.43 1.26 5.08
CA MET A 26 4.43 0.59 5.93
C MET A 26 5.85 0.91 5.50
N VAL A 27 6.79 0.65 6.41
CA VAL A 27 8.20 0.80 6.13
C VAL A 27 8.94 -0.42 6.67
N TYR A 28 9.91 -0.93 5.92
CA TYR A 28 10.79 -2.00 6.39
C TYR A 28 12.21 -1.48 6.42
N PHE A 29 12.81 -1.51 7.61
CA PHE A 29 14.19 -1.04 7.81
C PHE A 29 15.15 -2.21 7.68
N GLY A 30 15.75 -2.33 6.50
CA GLY A 30 16.63 -3.45 6.18
C GLY A 30 18.08 -3.18 6.49
N ALA A 31 18.91 -4.20 6.33
CA ALA A 31 20.33 -4.09 6.66
C ALA A 31 21.09 -3.15 5.71
N LYS A 32 20.67 -3.10 4.44
CA LYS A 32 21.35 -2.27 3.43
C LYS A 32 20.54 -1.04 3.05
N GLY A 33 19.28 -1.00 3.45
CA GLY A 33 18.45 0.12 3.05
C GLY A 33 17.00 -0.08 3.42
N VAL A 34 16.19 0.91 3.09
CA VAL A 34 14.80 1.01 3.54
C VAL A 34 13.87 0.75 2.37
N THR A 35 12.81 -0.03 2.63
CA THR A 35 11.75 -0.27 1.66
C THR A 35 10.47 0.40 2.16
N VAL A 36 9.89 1.26 1.34
CA VAL A 36 8.62 1.90 1.67
C VAL A 36 7.51 1.13 0.95
N VAL A 37 6.44 0.81 1.68
CA VAL A 37 5.32 0.07 1.14
C VAL A 37 4.11 1.00 1.10
N GLY A 38 3.78 1.47 -0.10
CA GLY A 38 2.79 2.53 -0.28
C GLY A 38 3.51 3.88 -0.33
N ALA A 39 3.32 4.62 -1.43
CA ALA A 39 4.07 5.87 -1.65
C ALA A 39 3.53 7.06 -0.87
N THR A 40 2.35 6.89 -0.27
CA THR A 40 1.57 7.95 0.39
C THR A 40 0.93 8.91 -0.62
N TRP A 41 0.11 9.84 -0.12
CA TRP A 41 -0.80 10.62 -0.95
C TRP A 41 -0.16 11.57 -1.98
N THR A 42 0.88 12.30 -1.57
CA THR A 42 1.49 13.30 -2.45
C THR A 42 3.01 13.34 -2.30
N PRO A 43 3.69 14.03 -3.22
CA PRO A 43 5.11 14.26 -2.97
C PRO A 43 5.42 14.93 -1.62
N ASP A 44 4.56 15.83 -1.17
CA ASP A 44 4.75 16.46 0.14
C ASP A 44 4.57 15.47 1.28
N THR A 45 3.56 14.60 1.20
CA THR A 45 3.40 13.62 2.28
C THR A 45 4.56 12.62 2.27
N ALA A 46 5.05 12.28 1.06
CA ALA A 46 6.23 11.42 0.94
C ALA A 46 7.43 12.06 1.64
N ARG A 47 7.63 13.35 1.40
CA ARG A 47 8.72 14.08 2.06
C ARG A 47 8.59 14.02 3.58
N GLU A 48 7.37 14.16 4.07
CA GLU A 48 7.12 14.05 5.51
C GLU A 48 7.47 12.67 6.05
N LEU A 49 7.14 11.62 5.31
CA LEU A 49 7.52 10.27 5.72
C LEU A 49 9.04 10.12 5.71
N HIS A 50 9.69 10.65 4.67
CA HIS A 50 11.13 10.55 4.57
C HIS A 50 11.81 11.21 5.79
N LYS A 51 11.27 12.35 6.22
CA LYS A 51 11.77 13.04 7.40
C LYS A 51 11.75 12.12 8.62
N LEU A 52 10.66 11.39 8.79
CA LEU A 52 10.54 10.46 9.90
C LEU A 52 11.51 9.29 9.74
N ILE A 53 11.65 8.77 8.52
CA ILE A 53 12.58 7.68 8.23
C ILE A 53 14.02 8.06 8.62
N LYS A 54 14.44 9.28 8.28
CA LYS A 54 15.82 9.76 8.55
C LYS A 54 16.14 10.00 10.04
N ARG A 55 14.98 9.94 10.99
CA ARG A 55 15.25 9.94 12.42
C ARG A 55 15.48 8.53 12.96
N VAL A 56 15.17 7.51 12.16
CA VAL A 56 15.29 6.10 12.56
C VAL A 56 16.52 5.42 11.96
N SER A 57 16.80 5.70 10.68
CA SER A 57 17.92 5.06 9.99
C SER A 57 18.58 6.01 9.00
N ARG A 58 19.90 5.88 8.90
CA ARG A 58 20.67 6.63 7.91
C ARG A 58 20.81 5.87 6.60
N LYS A 59 20.28 4.66 6.53
CA LYS A 59 20.41 3.85 5.34
C LYS A 59 19.51 4.40 4.24
N PRO A 60 20.04 4.20 2.81
CA PRO A 60 19.27 4.79 1.72
C PRO A 60 17.87 4.20 1.62
N VAL A 61 16.92 5.01 1.16
CA VAL A 61 15.61 4.52 0.76
C VAL A 61 15.80 3.89 -0.62
N LEU A 62 15.71 2.56 -0.68
CA LEU A 62 16.06 1.80 -1.88
C LEU A 62 14.91 1.75 -2.87
N GLU A 63 13.71 1.55 -2.34
CA GLU A 63 12.55 1.43 -3.20
C GLU A 63 11.26 1.74 -2.45
N VAL A 64 10.24 2.11 -3.24
CA VAL A 64 8.88 2.27 -2.76
C VAL A 64 8.00 1.37 -3.61
N ILE A 65 7.06 0.68 -2.97
CA ILE A 65 6.12 -0.20 -3.68
C ILE A 65 4.79 0.50 -3.87
N ASN A 66 4.32 0.57 -5.11
CA ASN A 66 2.95 1.00 -5.39
C ASN A 66 2.08 -0.24 -5.31
N THR A 67 1.32 -0.38 -4.23
CA THR A 67 0.51 -1.57 -4.02
C THR A 67 -0.81 -1.56 -4.82
N ASN A 68 -1.13 -0.42 -5.41
CA ASN A 68 -2.07 -0.30 -6.50
C ASN A 68 -1.79 1.00 -7.26
N TYR A 69 -2.58 1.31 -8.29
CA TYR A 69 -2.34 2.48 -9.12
C TYR A 69 -2.97 3.77 -8.58
N HIS A 70 -3.64 3.69 -7.44
CA HIS A 70 -4.39 4.83 -6.90
C HIS A 70 -3.52 5.89 -6.26
N THR A 71 -4.11 7.06 -6.09
CA THR A 71 -3.44 8.24 -5.55
C THR A 71 -2.88 8.03 -4.14
N ASP A 72 -3.57 7.26 -3.30
CA ASP A 72 -3.05 7.06 -1.94
C ASP A 72 -1.86 6.11 -1.86
N ARG A 73 -1.65 5.30 -2.90
CA ARG A 73 -0.52 4.35 -2.95
C ARG A 73 0.61 4.77 -3.89
N ALA A 74 0.35 5.72 -4.78
CA ALA A 74 1.32 6.16 -5.80
C ALA A 74 1.56 7.68 -5.84
N GLY A 75 0.77 8.46 -5.09
CA GLY A 75 0.87 9.91 -5.16
C GLY A 75 2.25 10.46 -4.83
N GLY A 76 2.96 9.80 -3.91
CA GLY A 76 4.30 10.25 -3.52
C GLY A 76 5.41 9.97 -4.51
N ASN A 77 5.11 9.23 -5.58
CA ASN A 77 6.14 8.74 -6.51
C ASN A 77 7.18 9.78 -6.97
N ALA A 78 6.72 10.99 -7.32
CA ALA A 78 7.65 12.02 -7.81
C ALA A 78 8.75 12.29 -6.78
N TYR A 79 8.39 12.34 -5.51
CA TYR A 79 9.37 12.56 -4.44
C TYR A 79 10.34 11.39 -4.33
N TRP A 80 9.80 10.17 -4.30
CA TRP A 80 10.65 8.99 -4.13
C TRP A 80 11.65 8.88 -5.27
N LYS A 81 11.20 9.13 -6.49
CA LYS A 81 12.13 9.15 -7.64
C LYS A 81 13.19 10.23 -7.48
N SER A 82 12.78 11.39 -6.97
CA SER A 82 13.70 12.52 -6.84
C SER A 82 14.86 12.25 -5.86
N ILE A 83 14.68 11.37 -4.89
CA ILE A 83 15.74 11.03 -3.92
C ILE A 83 16.44 9.74 -4.31
N GLY A 84 16.17 9.08 -5.71
CA GLY A 84 16.91 7.91 -6.14
C GLY A 84 16.29 6.59 -5.76
N ALA A 85 15.11 6.60 -5.14
CA ALA A 85 14.41 5.36 -4.82
C ALA A 85 13.75 4.81 -6.07
N LYS A 86 13.84 3.51 -6.28
CA LYS A 86 13.09 2.85 -7.35
C LYS A 86 11.62 2.82 -6.97
N VAL A 87 10.75 2.88 -7.98
CA VAL A 87 9.30 2.73 -7.77
C VAL A 87 8.90 1.39 -8.36
N VAL A 88 8.41 0.50 -7.49
CA VAL A 88 8.21 -0.90 -7.82
C VAL A 88 6.71 -1.24 -7.85
N SER A 89 6.28 -1.99 -8.86
CA SER A 89 4.90 -2.44 -8.95
C SER A 89 4.80 -3.69 -9.81
N THR A 90 3.60 -4.25 -9.90
CA THR A 90 3.33 -5.28 -10.88
C THR A 90 3.14 -4.62 -12.26
N ARG A 91 3.28 -5.45 -13.30
CA ARG A 91 2.94 -5.06 -14.66
C ARG A 91 1.54 -4.46 -14.72
N GLN A 92 0.56 -5.15 -14.13
CA GLN A 92 -0.82 -4.71 -14.19
C GLN A 92 -1.03 -3.33 -13.56
N THR A 93 -0.42 -3.11 -12.39
CA THR A 93 -0.52 -1.81 -11.73
C THR A 93 0.05 -0.69 -12.61
N ARG A 94 1.21 -0.93 -13.22
CA ARG A 94 1.82 0.03 -14.13
C ARG A 94 0.91 0.31 -15.33
N ASP A 95 0.37 -0.76 -15.93
CA ASP A 95 -0.53 -0.63 -17.08
C ASP A 95 -1.75 0.22 -16.74
N LEU A 96 -2.38 -0.08 -15.60
CA LEU A 96 -3.58 0.65 -15.17
C LEU A 96 -3.25 2.10 -14.82
N MET A 97 -2.10 2.32 -14.20
CA MET A 97 -1.70 3.69 -13.89
C MET A 97 -1.52 4.51 -15.17
N LYS A 98 -0.87 3.91 -16.18
CA LYS A 98 -0.65 4.61 -17.44
C LYS A 98 -1.97 5.04 -18.06
N SER A 99 -2.95 4.14 -18.06
CA SER A 99 -4.23 4.40 -18.70
C SER A 99 -5.18 5.24 -17.86
N ASP A 100 -5.17 5.04 -16.54
CA ASP A 100 -6.22 5.56 -15.67
C ASP A 100 -5.80 6.60 -14.62
N TRP A 101 -4.54 7.04 -14.63
CA TRP A 101 -4.09 8.00 -13.62
C TRP A 101 -4.91 9.29 -13.62
N ALA A 102 -5.14 9.85 -14.80
CA ALA A 102 -5.97 11.08 -14.91
C ALA A 102 -7.33 10.88 -14.26
N GLU A 103 -7.94 9.73 -14.50
CA GLU A 103 -9.26 9.41 -13.95
C GLU A 103 -9.22 9.34 -12.42
N ILE A 104 -8.22 8.66 -11.86
CA ILE A 104 -8.17 8.51 -10.40
C ILE A 104 -7.81 9.83 -9.73
N VAL A 105 -6.97 10.64 -10.36
CA VAL A 105 -6.67 11.97 -9.82
C VAL A 105 -7.95 12.83 -9.81
N ALA A 106 -8.69 12.79 -10.91
CA ALA A 106 -9.96 13.53 -11.00
C ALA A 106 -10.96 13.07 -9.94
N PHE A 107 -11.07 11.75 -9.79
CA PHE A 107 -11.96 11.17 -8.77
C PHE A 107 -11.55 11.61 -7.36
N THR A 108 -10.25 11.57 -7.10
CA THR A 108 -9.73 11.98 -5.80
C THR A 108 -10.07 13.44 -5.51
N ARG A 109 -9.92 14.30 -6.51
CA ARG A 109 -10.17 15.73 -6.34
C ARG A 109 -11.64 16.08 -6.22
N LYS A 110 -12.53 15.19 -6.65
CA LYS A 110 -13.97 15.41 -6.43
C LYS A 110 -14.31 15.43 -4.94
N GLY A 111 -13.77 14.48 -4.18
CA GLY A 111 -13.94 14.43 -2.74
C GLY A 111 -12.96 15.33 -1.98
N LEU A 112 -11.81 15.57 -2.60
CA LEU A 112 -10.70 16.28 -1.98
C LEU A 112 -10.18 17.37 -2.92
N PRO A 113 -10.95 18.45 -3.10
CA PRO A 113 -10.53 19.51 -4.04
C PRO A 113 -9.16 20.09 -3.72
N GLU A 114 -8.78 20.05 -2.44
CA GLU A 114 -7.48 20.50 -1.97
C GLU A 114 -6.31 19.64 -2.47
N TYR A 115 -6.63 18.43 -2.96
CA TYR A 115 -5.61 17.49 -3.45
C TYR A 115 -5.02 17.99 -4.76
N PRO A 116 -3.69 17.92 -4.90
CA PRO A 116 -3.04 18.47 -6.11
C PRO A 116 -3.30 17.68 -7.38
N ASP A 117 -3.29 18.37 -8.51
CA ASP A 117 -3.43 17.74 -9.83
C ASP A 117 -2.07 17.18 -10.26
N LEU A 118 -1.73 16.00 -9.74
CA LEU A 118 -0.39 15.44 -9.89
C LEU A 118 -0.15 14.84 -11.28
N PRO A 119 1.00 15.18 -11.90
CA PRO A 119 1.39 14.49 -13.13
C PRO A 119 1.65 13.01 -12.90
N LEU A 120 1.46 12.22 -13.95
CA LEU A 120 1.80 10.80 -13.95
C LEU A 120 3.29 10.56 -13.67
N VAL A 121 3.56 9.64 -12.74
CA VAL A 121 4.92 9.16 -12.45
C VAL A 121 4.81 7.65 -12.32
N LEU A 122 5.29 6.92 -13.34
CA LEU A 122 5.11 5.47 -13.42
C LEU A 122 6.15 4.71 -12.63
N PRO A 123 5.79 3.49 -12.18
CA PRO A 123 6.79 2.59 -11.62
C PRO A 123 7.88 2.33 -12.66
N ASN A 124 9.12 2.20 -12.20
CA ASN A 124 10.24 1.91 -13.09
C ASN A 124 10.94 0.57 -12.84
N VAL A 125 10.42 -0.19 -11.88
CA VAL A 125 10.79 -1.58 -11.70
C VAL A 125 9.47 -2.35 -11.70
N VAL A 126 9.22 -3.07 -12.78
CA VAL A 126 7.89 -3.62 -13.06
C VAL A 126 7.96 -5.13 -13.14
N HIS A 127 7.19 -5.80 -12.28
CA HIS A 127 7.28 -7.25 -12.13
C HIS A 127 6.13 -7.97 -12.83
N ASP A 128 6.47 -9.02 -13.57
CA ASP A 128 5.49 -9.86 -14.26
C ASP A 128 4.63 -10.71 -13.33
N GLY A 129 5.16 -11.04 -12.16
CA GLY A 129 4.44 -11.86 -11.20
C GLY A 129 4.66 -11.36 -9.79
N ASP A 130 4.56 -12.26 -8.83
CA ASP A 130 4.83 -11.94 -7.44
C ASP A 130 6.33 -11.67 -7.31
N PHE A 131 6.73 -10.97 -6.26
CA PHE A 131 8.12 -10.56 -6.13
C PHE A 131 8.48 -10.31 -4.68
N THR A 132 9.77 -10.38 -4.38
CA THR A 132 10.23 -10.12 -3.04
C THR A 132 11.29 -9.04 -3.04
N LEU A 133 11.48 -8.43 -1.86
CA LEU A 133 12.53 -7.47 -1.59
C LEU A 133 13.18 -7.85 -0.28
N GLN A 134 14.26 -7.16 0.07
CA GLN A 134 14.92 -7.35 1.36
C GLN A 134 15.28 -8.83 1.60
N GLU A 135 15.90 -9.43 0.60
CA GLU A 135 16.36 -10.83 0.67
C GLU A 135 15.24 -11.79 1.06
N GLY A 136 14.04 -11.53 0.54
CA GLY A 136 12.88 -12.40 0.76
C GLY A 136 12.04 -12.08 1.99
N LYS A 137 12.41 -11.03 2.72
CA LYS A 137 11.72 -10.67 3.97
C LYS A 137 10.52 -9.74 3.74
N VAL A 138 10.39 -9.22 2.53
CA VAL A 138 9.22 -8.42 2.13
C VAL A 138 8.68 -9.09 0.88
N ARG A 139 7.46 -9.63 0.96
CA ARG A 139 6.95 -10.51 -0.09
C ARG A 139 5.64 -9.96 -0.64
N ALA A 140 5.69 -9.48 -1.88
CA ALA A 140 4.52 -8.91 -2.56
C ALA A 140 3.84 -9.95 -3.43
N PHE A 141 2.51 -10.02 -3.35
CA PHE A 141 1.79 -10.97 -4.17
C PHE A 141 0.38 -10.53 -4.56
N TYR A 142 -0.09 -11.08 -5.67
CA TYR A 142 -1.41 -10.80 -6.19
C TYR A 142 -2.29 -12.01 -5.96
N ALA A 143 -3.47 -11.78 -5.39
CA ALA A 143 -4.44 -12.85 -5.12
C ALA A 143 -5.76 -12.63 -5.87
N GLY A 144 -5.79 -11.69 -6.80
CA GLY A 144 -6.97 -11.38 -7.58
C GLY A 144 -7.52 -9.98 -7.34
N PRO A 145 -8.55 -9.59 -8.12
CA PRO A 145 -9.14 -8.27 -8.03
C PRO A 145 -9.99 -8.09 -6.79
N ALA A 146 -10.08 -6.86 -6.30
CA ALA A 146 -10.84 -6.58 -5.11
C ALA A 146 -11.25 -5.11 -5.12
N HIS A 147 -10.60 -4.30 -4.29
CA HIS A 147 -10.86 -2.87 -4.22
C HIS A 147 -10.49 -2.17 -5.55
N THR A 148 -9.43 -2.65 -6.19
CA THR A 148 -9.12 -2.34 -7.59
C THR A 148 -8.83 -3.66 -8.30
N PRO A 149 -8.74 -3.64 -9.64
CA PRO A 149 -8.34 -4.87 -10.35
C PRO A 149 -6.96 -5.40 -9.97
N ASP A 150 -6.07 -4.51 -9.55
CA ASP A 150 -4.62 -4.78 -9.49
C ASP A 150 -4.01 -4.89 -8.11
N GLY A 151 -4.76 -4.54 -7.06
CA GLY A 151 -4.19 -4.38 -5.73
C GLY A 151 -3.49 -5.63 -5.23
N ILE A 152 -2.31 -5.44 -4.65
CA ILE A 152 -1.50 -6.54 -4.13
C ILE A 152 -1.42 -6.49 -2.61
N PHE A 153 -1.04 -7.63 -2.03
CA PHE A 153 -0.74 -7.74 -0.61
C PHE A 153 0.78 -7.75 -0.45
N VAL A 154 1.23 -7.40 0.75
CA VAL A 154 2.64 -7.52 1.11
C VAL A 154 2.73 -8.23 2.45
N TYR A 155 3.53 -9.29 2.48
CA TYR A 155 3.66 -10.15 3.65
C TYR A 155 5.09 -10.10 4.17
N PHE A 156 5.20 -10.03 5.49
CA PHE A 156 6.47 -9.96 6.20
C PHE A 156 6.62 -11.23 7.05
N PRO A 157 7.32 -12.41 6.37
CA PRO A 157 7.22 -13.72 7.01
C PRO A 157 7.84 -13.79 8.42
N ASP A 158 8.94 -13.09 8.65
CA ASP A 158 9.62 -13.18 9.95
C ASP A 158 8.71 -12.69 11.07
N GLU A 159 7.97 -11.61 10.80
CA GLU A 159 7.18 -10.90 11.82
C GLU A 159 5.72 -11.34 11.78
N GLN A 160 5.23 -12.23 10.56
CA GLN A 160 3.85 -12.67 10.42
C GLN A 160 2.93 -11.46 10.42
N VAL A 161 3.32 -10.44 9.65
CA VAL A 161 2.50 -9.25 9.43
C VAL A 161 2.06 -9.25 7.96
N LEU A 162 0.77 -9.02 7.73
CA LEU A 162 0.26 -8.84 6.37
C LEU A 162 -0.18 -7.39 6.20
N TYR A 163 0.35 -6.71 5.18
CA TYR A 163 -0.17 -5.40 4.81
C TYR A 163 -1.41 -5.58 3.96
N GLY A 164 -2.52 -5.03 4.44
CA GLY A 164 -3.80 -5.22 3.79
C GLY A 164 -4.07 -4.28 2.63
N ASN A 165 -3.23 -3.26 2.45
CA ASN A 165 -3.42 -2.33 1.33
C ASN A 165 -4.82 -1.71 1.47
N CYS A 166 -5.40 -1.20 0.39
CA CYS A 166 -6.79 -0.75 0.42
C CYS A 166 -7.80 -1.91 0.47
N ILE A 167 -7.30 -3.14 0.44
CA ILE A 167 -8.17 -4.31 0.35
C ILE A 167 -8.81 -4.65 1.69
N LEU A 168 -8.02 -4.53 2.76
CA LEU A 168 -8.47 -4.86 4.11
C LEU A 168 -8.46 -3.63 4.99
N LYS A 169 -9.57 -3.42 5.69
CA LYS A 169 -9.79 -2.22 6.48
C LYS A 169 -11.09 -2.43 7.28
N GLU A 170 -11.43 -1.50 8.16
CA GLU A 170 -12.58 -1.69 9.07
C GLU A 170 -13.90 -1.32 8.42
N LYS A 171 -13.84 -0.23 7.62
CA LYS A 171 -15.08 0.25 7.07
C LYS A 171 -15.44 -0.26 5.66
N LEU A 172 -16.74 -0.34 4.97
CA LEU A 172 -16.84 -0.76 3.58
C LEU A 172 -16.00 0.15 2.67
N GLY A 173 -16.09 1.46 2.89
CA GLY A 173 -15.29 2.41 2.13
C GLY A 173 -15.70 2.55 0.68
N ASN A 174 -14.72 2.87 -0.17
CA ASN A 174 -14.91 3.16 -1.59
C ASN A 174 -15.02 1.90 -2.45
N LEU A 175 -16.13 1.75 -3.15
CA LEU A 175 -16.34 0.60 -4.04
C LEU A 175 -16.41 1.02 -5.52
N SER A 176 -16.06 2.25 -5.84
CA SER A 176 -16.22 2.78 -7.20
C SER A 176 -15.34 2.10 -8.25
N PHE A 177 -14.23 1.50 -7.82
CA PHE A 177 -13.30 0.83 -8.72
C PHE A 177 -13.24 -0.66 -8.44
N ALA A 178 -14.13 -1.12 -7.56
CA ALA A 178 -14.06 -2.47 -7.00
C ALA A 178 -14.75 -3.49 -7.89
N ASP A 179 -14.25 -4.72 -7.83
CA ASP A 179 -14.94 -5.87 -8.39
C ASP A 179 -15.62 -6.53 -7.22
N VAL A 180 -16.88 -6.16 -6.97
CA VAL A 180 -17.55 -6.55 -5.74
C VAL A 180 -17.77 -8.08 -5.68
N LYS A 181 -18.07 -8.69 -6.83
CA LYS A 181 -18.26 -10.14 -6.86
C LYS A 181 -16.95 -10.91 -6.69
N ALA A 182 -15.86 -10.39 -7.25
CA ALA A 182 -14.55 -11.05 -7.12
C ALA A 182 -13.94 -10.88 -5.73
N TYR A 183 -14.33 -9.81 -5.03
CA TYR A 183 -13.69 -9.41 -3.79
C TYR A 183 -13.61 -10.57 -2.79
N PRO A 184 -14.75 -11.20 -2.46
CA PRO A 184 -14.66 -12.33 -1.52
C PRO A 184 -13.90 -13.54 -2.08
N GLN A 185 -13.93 -13.72 -3.40
CA GLN A 185 -13.14 -14.78 -4.01
C GLN A 185 -11.64 -14.55 -3.82
N THR A 186 -11.22 -13.30 -3.97
CA THR A 186 -9.84 -12.91 -3.68
C THR A 186 -9.48 -13.12 -2.22
N LEU A 187 -10.37 -12.73 -1.31
CA LEU A 187 -10.08 -12.94 0.12
C LEU A 187 -10.00 -14.43 0.45
N GLU A 188 -10.81 -15.26 -0.22
CA GLU A 188 -10.73 -16.70 0.01
C GLU A 188 -9.46 -17.29 -0.57
N ARG A 189 -9.02 -16.80 -1.74
CA ARG A 189 -7.74 -17.22 -2.31
C ARG A 189 -6.60 -16.86 -1.35
N LEU A 190 -6.66 -15.66 -0.77
CA LEU A 190 -5.70 -15.25 0.27
C LEU A 190 -5.69 -16.20 1.45
N LYS A 191 -6.87 -16.48 2.02
CA LYS A 191 -6.94 -17.36 3.17
C LYS A 191 -6.46 -18.78 2.85
N ALA A 192 -6.66 -19.22 1.61
CA ALA A 192 -6.23 -20.55 1.16
C ALA A 192 -4.72 -20.71 1.15
N MET A 193 -3.98 -19.61 1.14
CA MET A 193 -2.52 -19.66 1.21
C MET A 193 -2.01 -20.12 2.59
N LYS A 194 -2.87 -20.02 3.59
CA LYS A 194 -2.55 -20.41 4.97
C LYS A 194 -1.26 -19.78 5.48
N LEU A 195 -1.10 -18.50 5.22
CA LEU A 195 0.05 -17.77 5.72
C LEU A 195 -0.05 -17.63 7.22
N PRO A 196 1.06 -17.87 7.95
CA PRO A 196 1.05 -17.54 9.37
C PRO A 196 0.93 -16.02 9.53
N ILE A 197 -0.20 -15.58 10.07
CA ILE A 197 -0.46 -14.15 10.24
C ILE A 197 -0.85 -13.87 11.68
N LYS A 198 -0.04 -13.08 12.37
CA LYS A 198 -0.36 -12.56 13.70
C LYS A 198 -1.03 -11.20 13.62
N THR A 199 -0.61 -10.39 12.66
CA THR A 199 -1.06 -9.01 12.55
C THR A 199 -1.41 -8.68 11.11
N VAL A 200 -2.56 -8.05 10.90
CA VAL A 200 -2.94 -7.47 9.62
C VAL A 200 -2.98 -5.95 9.80
N ILE A 201 -2.31 -5.22 8.92
CA ILE A 201 -2.36 -3.76 8.93
C ILE A 201 -3.39 -3.32 7.89
N GLY A 202 -4.47 -2.69 8.36
CA GLY A 202 -5.49 -2.17 7.46
C GLY A 202 -4.97 -0.94 6.76
N GLY A 203 -5.31 -0.77 5.48
CA GLY A 203 -4.82 0.38 4.70
C GLY A 203 -5.56 1.69 4.93
N HIS A 204 -6.69 1.60 5.62
CA HIS A 204 -7.45 2.76 6.07
C HIS A 204 -8.01 2.42 7.44
N ASP A 205 -8.59 3.42 8.11
CA ASP A 205 -9.12 3.25 9.49
C ASP A 205 -7.97 2.89 10.45
N SER A 206 -8.27 2.33 11.61
CA SER A 206 -7.21 2.00 12.58
C SER A 206 -6.33 0.87 12.05
N PRO A 207 -5.00 1.06 12.00
CA PRO A 207 -4.13 0.07 11.35
C PRO A 207 -4.03 -1.29 11.99
N LEU A 208 -3.92 -1.35 13.33
CA LEU A 208 -3.55 -2.62 13.98
C LEU A 208 -4.75 -3.51 14.22
N HIS A 209 -4.61 -4.84 13.44
CA HIS A 209 -5.66 -5.83 13.64
C HIS A 209 -5.04 -7.19 13.62
N GLY A 210 -5.83 -8.19 14.01
CA GLY A 210 -5.41 -9.57 13.87
C GLY A 210 -5.89 -10.12 12.53
N PRO A 211 -5.65 -11.42 12.29
CA PRO A 211 -6.02 -12.05 11.03
C PRO A 211 -7.51 -12.01 10.73
N GLU A 212 -8.32 -11.86 11.77
CA GLU A 212 -9.78 -11.75 11.64
C GLU A 212 -10.24 -10.54 10.82
N LEU A 213 -9.37 -9.55 10.61
CA LEU A 213 -9.76 -8.42 9.75
C LEU A 213 -10.14 -8.91 8.34
N ILE A 214 -9.54 -10.01 7.90
CA ILE A 214 -9.86 -10.57 6.58
C ILE A 214 -11.32 -11.00 6.55
N ASP A 215 -11.73 -11.78 7.56
CA ASP A 215 -13.11 -12.23 7.66
C ASP A 215 -14.09 -11.10 7.94
N HIS A 216 -13.65 -10.11 8.70
CA HIS A 216 -14.45 -8.91 8.94
C HIS A 216 -14.84 -8.24 7.63
N TYR A 217 -13.84 -7.94 6.80
CA TYR A 217 -14.14 -7.24 5.55
C TYR A 217 -14.90 -8.14 4.58
N GLU A 218 -14.56 -9.42 4.55
CA GLU A 218 -15.26 -10.37 3.69
C GLU A 218 -16.76 -10.36 3.98
N ALA A 219 -17.13 -10.37 5.26
CA ALA A 219 -18.54 -10.33 5.64
C ALA A 219 -19.19 -9.02 5.17
N LEU A 220 -18.49 -7.91 5.31
CA LEU A 220 -19.01 -6.61 4.87
C LEU A 220 -19.26 -6.54 3.36
N ILE A 221 -18.29 -7.01 2.57
CA ILE A 221 -18.38 -6.87 1.12
C ILE A 221 -19.43 -7.82 0.50
N LYS A 222 -19.66 -8.95 1.17
CA LYS A 222 -20.70 -9.89 0.72
C LYS A 222 -22.10 -9.30 0.92
N ALA A 223 -22.22 -8.38 1.88
CA ALA A 223 -23.50 -7.71 2.17
C ALA A 223 -23.68 -6.41 1.37
N ALA A 224 -22.63 -5.97 0.66
CA ALA A 224 -22.69 -4.72 -0.10
C ALA A 224 -23.69 -4.80 -1.26
N PRO A 225 -24.38 -3.67 -1.53
ZN ZN B . -6.92 3.44 -0.38
S SO4 C . 21.77 3.44 10.73
O1 SO4 C . 21.44 4.79 11.18
O2 SO4 C . 20.64 2.55 10.94
O3 SO4 C . 22.93 2.95 11.45
O4 SO4 C . 22.10 3.48 9.30
S SO4 D . -18.66 -18.87 2.39
O1 SO4 D . -20.07 -19.27 2.26
O2 SO4 D . -18.40 -17.82 1.39
O3 SO4 D . -17.81 -20.02 2.13
O4 SO4 D . -18.38 -18.37 3.73
S SO4 E . 4.69 5.73 -21.47
O1 SO4 E . 3.75 6.68 -22.10
O2 SO4 E . 3.97 4.51 -21.12
O3 SO4 E . 5.25 6.33 -20.27
O4 SO4 E . 5.75 5.42 -22.41
S SO4 F . 9.82 15.75 11.72
O1 SO4 F . 10.18 17.06 12.24
O2 SO4 F . 8.72 15.86 10.77
O3 SO4 F . 9.41 14.89 12.84
O4 SO4 F . 10.98 15.17 11.06
O2 MCO G . -8.71 3.76 -1.30
C9 MCO G . -9.24 4.66 -1.99
O3 MCO G . -10.30 4.47 -2.66
C8 MCO G . -8.57 6.02 -2.01
C7 MCO G . -7.57 6.18 -3.15
C6 MCO G . -8.33 6.82 -4.28
C5 MCO G . -9.43 7.63 -3.63
N MCO G . -9.51 7.11 -2.25
C4 MCO G . -10.30 7.53 -1.26
O1 MCO G . -10.28 7.03 -0.15
C2 MCO G . -11.22 8.68 -1.58
C3 MCO G . -10.51 9.97 -1.22
C1 MCO G . -12.55 8.56 -0.84
S MCO G . -13.69 7.53 -1.77
C1 GOL H . 8.28 -11.01 -11.92
O1 GOL H . 7.80 -11.53 -10.72
C2 GOL H . 9.78 -11.15 -12.08
O2 GOL H . 10.44 -10.37 -11.11
C3 GOL H . 10.17 -10.67 -13.47
O3 GOL H . 9.34 -9.59 -13.87
C1 GOL I . 3.94 -15.40 0.22
O1 GOL I . 4.86 -15.38 1.29
C2 GOL I . 4.66 -15.87 -1.03
O2 GOL I . 5.39 -14.79 -1.57
C3 GOL I . 3.69 -16.42 -2.07
O3 GOL I . 3.56 -15.51 -3.13
#